data_1QR3
#
_entry.id   1QR3
#
_cell.length_a   51.670
_cell.length_b   57.840
_cell.length_c   75.520
_cell.angle_alpha   90.00
_cell.angle_beta   90.00
_cell.angle_gamma   90.00
#
_symmetry.space_group_name_H-M   'P 21 21 21'
#
loop_
_entity.id
_entity.type
_entity.pdbx_description
1 polymer 'Chymotrypsin-like elastase family member 1'
2 polymer 'FR901277 Inhibitor'
3 non-polymer 'CALCIUM ION'
4 non-polymer 'SULFATE ION'
5 water water
#
loop_
_entity_poly.entity_id
_entity_poly.type
_entity_poly.pdbx_seq_one_letter_code
_entity_poly.pdbx_strand_id
1 'polypeptide(L)'
;VVGGTEAQRNSWPSQISLQYRSGSSWAHTCGGTLIRQNWVMTAAHCVDRELTFRVVVGEHNLNQNNGTEQYVGVQKIVVH
PYWNTDDVAAGYDIALLRLAQSVTLNSYVQLGVLPRAGTILANNSPCYITGWGLTRTNGQLAQTLQQAYLPTVDYAICSS
SSYWGSTVKNSMVCAGGDGVRSGCQGDSGGPLHCLVNGQYAVHGVTSFVSRLGCNVTRKPTVFTRVSAYISWINNVIASN
;
E
2 'polypeptide(L)' (ALQ)(CIR)T(DBU)(GLJ)F(TYJ)V I
#
# COMPACT_ATOMS: atom_id res chain seq x y z
N VAL A 1 2.70 10.05 -3.85
CA VAL A 1 3.19 10.55 -2.53
C VAL A 1 3.40 12.08 -2.55
N VAL A 2 2.74 12.80 -1.68
CA VAL A 2 3.09 14.20 -1.62
C VAL A 2 4.23 14.42 -0.62
N GLY A 3 5.09 15.40 -0.97
CA GLY A 3 6.16 15.74 0.01
C GLY A 3 7.31 14.73 0.11
N GLY A 4 7.40 13.94 -0.97
CA GLY A 4 8.31 12.81 -0.89
C GLY A 4 9.66 13.08 -1.53
N THR A 5 10.48 12.03 -1.56
CA THR A 5 11.75 12.13 -2.28
C THR A 5 11.99 10.85 -3.07
N GLU A 6 12.83 10.95 -4.13
CA GLU A 6 13.01 9.71 -4.86
C GLU A 6 13.69 8.65 -3.99
N ALA A 7 13.10 7.46 -4.03
CA ALA A 7 13.80 6.33 -3.39
C ALA A 7 15.00 5.83 -4.15
N GLN A 8 15.98 5.30 -3.43
CA GLN A 8 17.02 4.55 -4.19
C GLN A 8 16.50 3.28 -4.90
N ARG A 9 17.18 2.84 -5.95
CA ARG A 9 16.74 1.67 -6.74
C ARG A 9 16.42 0.43 -5.96
N ASN A 10 17.22 0.27 -4.89
CA ASN A 10 17.17 -1.01 -4.15
C ASN A 10 16.70 -0.97 -2.71
N SER A 11 16.06 0.13 -2.35
CA SER A 11 15.78 0.17 -0.90
C SER A 11 14.47 -0.41 -0.37
N TRP A 12 13.48 -0.49 -1.28
CA TRP A 12 12.19 -1.11 -0.97
C TRP A 12 11.77 -2.22 -1.95
N PRO A 13 12.51 -3.34 -1.94
CA PRO A 13 12.37 -4.34 -3.01
C PRO A 13 11.07 -5.17 -3.04
N SER A 14 10.27 -5.00 -1.96
CA SER A 14 8.94 -5.65 -1.96
C SER A 14 7.81 -4.82 -2.54
N GLN A 15 8.04 -3.51 -2.79
CA GLN A 15 7.08 -2.72 -3.58
C GLN A 15 6.78 -3.28 -4.96
N ILE A 16 5.49 -3.31 -5.24
CA ILE A 16 5.11 -3.66 -6.62
C ILE A 16 4.20 -2.56 -7.24
N SER A 17 4.14 -2.61 -8.58
CA SER A 17 3.15 -1.80 -9.29
C SER A 17 2.03 -2.71 -9.81
N LEU A 18 0.82 -2.41 -9.39
CA LEU A 18 -0.33 -3.13 -9.92
C LEU A 18 -0.94 -2.34 -11.10
N GLN A 19 -0.97 -3.04 -12.24
CA GLN A 19 -1.33 -2.39 -13.50
C GLN A 19 -2.57 -2.96 -14.20
N TYR A 20 -3.31 -2.10 -14.86
CA TYR A 20 -4.39 -2.72 -15.62
C TYR A 20 -4.26 -2.53 -17.12
N ARG A 21 -4.85 -3.48 -17.87
CA ARG A 21 -4.98 -3.33 -19.33
C ARG A 21 -5.82 -2.11 -19.74
N SER A 22 -5.20 -1.31 -20.57
CA SER A 22 -5.79 0.01 -20.85
C SER A 22 -5.58 0.44 -22.31
N GLY A 23 -6.68 0.32 -23.09
CA GLY A 23 -6.53 0.46 -24.56
C GLY A 23 -5.44 -0.41 -25.15
N SER A 24 -4.46 0.20 -25.85
CA SER A 24 -3.42 -0.79 -26.25
C SER A 24 -2.23 -1.02 -25.32
N SER A 25 -2.35 -0.40 -24.13
CA SER A 25 -1.21 -0.56 -23.20
C SER A 25 -1.50 -0.87 -21.70
N TRP A 26 -0.50 -0.73 -20.84
CA TRP A 26 -0.81 -0.99 -19.43
C TRP A 26 -0.63 0.25 -18.59
N ALA A 27 -1.55 0.44 -17.67
CA ALA A 27 -1.42 1.62 -16.86
C ALA A 27 -1.32 1.30 -15.35
N HIS A 28 -0.46 2.07 -14.65
CA HIS A 28 -0.40 1.89 -13.20
C HIS A 28 -1.69 2.33 -12.52
N THR A 29 -2.13 1.48 -11.60
CA THR A 29 -3.34 1.90 -10.85
C THR A 29 -3.23 1.96 -9.30
N CYS A 30 -2.40 1.03 -8.80
CA CYS A 30 -2.21 0.88 -7.35
C CYS A 30 -0.82 0.31 -7.03
N GLY A 31 -0.44 0.49 -5.76
CA GLY A 31 0.67 -0.39 -5.36
C GLY A 31 0.26 -1.74 -4.73
N GLY A 32 1.27 -2.48 -4.35
CA GLY A 32 1.11 -3.65 -3.47
C GLY A 32 2.44 -4.08 -2.80
N THR A 33 2.38 -5.12 -2.01
CA THR A 33 3.62 -5.68 -1.43
C THR A 33 3.74 -7.13 -1.81
N LEU A 34 4.89 -7.48 -2.33
CA LEU A 34 5.16 -8.89 -2.55
C LEU A 34 5.40 -9.58 -1.20
N ILE A 35 4.55 -10.57 -0.93
CA ILE A 35 4.74 -11.26 0.37
C ILE A 35 5.14 -12.75 0.30
N ARG A 36 4.90 -13.27 -0.91
CA ARG A 36 5.35 -14.63 -1.22
C ARG A 36 5.78 -14.63 -2.66
N GLN A 37 6.60 -15.58 -3.10
CA GLN A 37 7.05 -15.49 -4.50
C GLN A 37 5.97 -15.41 -5.55
N ASN A 38 4.81 -15.94 -5.14
CA ASN A 38 3.60 -15.97 -5.99
C ASN A 38 2.35 -15.41 -5.33
N TRP A 39 2.62 -14.57 -4.29
CA TRP A 39 1.53 -13.78 -3.65
C TRP A 39 1.84 -12.28 -3.42
N VAL A 40 0.81 -11.49 -3.73
CA VAL A 40 0.83 -10.02 -3.56
C VAL A 40 -0.30 -9.53 -2.66
N MET A 41 0.08 -8.64 -1.72
CA MET A 41 -0.88 -8.00 -0.84
C MET A 41 -1.18 -6.59 -1.30
N THR A 42 -2.48 -6.31 -1.41
CA THR A 42 -2.85 -4.98 -1.91
C THR A 42 -4.14 -4.52 -1.26
N ALA A 43 -4.69 -3.38 -1.72
CA ALA A 43 -5.99 -3.02 -1.15
C ALA A 43 -7.20 -3.62 -1.92
N ALA A 44 -8.21 -4.05 -1.14
CA ALA A 44 -9.43 -4.56 -1.82
C ALA A 44 -10.08 -3.59 -2.82
N HIS A 45 -10.08 -2.29 -2.49
CA HIS A 45 -10.65 -1.34 -3.48
C HIS A 45 -9.91 -1.25 -4.82
N CYS A 46 -8.63 -1.74 -4.81
CA CYS A 46 -7.81 -1.79 -6.03
C CYS A 46 -8.21 -2.81 -7.06
N VAL A 47 -8.88 -3.84 -6.53
CA VAL A 47 -9.31 -5.01 -7.33
C VAL A 47 -10.84 -5.07 -7.48
N ASP A 48 -11.49 -3.90 -7.29
CA ASP A 48 -12.96 -3.81 -7.07
C ASP A 48 -13.78 -3.79 -8.36
N ARG A 49 -13.38 -4.70 -9.19
CA ARG A 49 -13.36 -4.27 -10.57
C ARG A 49 -13.15 -5.42 -11.50
N GLU A 50 -13.63 -5.13 -12.70
CA GLU A 50 -13.60 -6.21 -13.67
C GLU A 50 -12.53 -6.07 -14.74
N LEU A 51 -11.42 -5.48 -14.26
CA LEU A 51 -10.22 -5.25 -15.10
C LEU A 51 -9.30 -6.45 -15.24
N THR A 52 -8.51 -6.42 -16.29
CA THR A 52 -7.36 -7.33 -16.27
C THR A 52 -6.08 -6.70 -15.70
N PHE A 53 -5.53 -7.38 -14.70
CA PHE A 53 -4.37 -6.88 -13.98
C PHE A 53 -3.09 -7.62 -14.31
N ARG A 54 -2.00 -6.84 -14.26
CA ARG A 54 -0.70 -7.51 -14.13
C ARG A 54 0.05 -6.88 -12.97
N VAL A 55 1.05 -7.62 -12.51
CA VAL A 55 1.93 -7.09 -11.47
C VAL A 55 3.33 -6.88 -12.04
N VAL A 56 3.88 -5.73 -11.68
CA VAL A 56 5.32 -5.53 -11.92
C VAL A 56 6.18 -5.31 -10.66
N VAL A 57 7.19 -6.14 -10.70
CA VAL A 57 8.18 -6.30 -9.63
C VAL A 57 9.55 -5.81 -10.17
N GLY A 58 10.42 -5.40 -9.25
CA GLY A 58 11.71 -4.85 -9.71
C GLY A 58 11.60 -3.55 -10.51
N GLU A 59 10.54 -2.79 -10.20
CA GLU A 59 10.25 -1.54 -10.93
C GLU A 59 10.66 -0.31 -10.17
N HIS A 60 11.31 0.58 -10.94
CA HIS A 60 11.66 1.89 -10.37
C HIS A 60 11.06 3.11 -11.10
N ASN A 61 11.26 3.09 -12.42
CA ASN A 61 10.71 4.15 -13.28
C ASN A 61 9.58 3.57 -14.14
N LEU A 62 8.35 4.13 -14.00
CA LEU A 62 7.26 3.46 -14.73
C LEU A 62 7.37 3.41 -16.26
N ASN A 63 8.02 4.46 -16.75
CA ASN A 63 8.05 4.82 -18.17
C ASN A 63 9.33 4.57 -18.99
N GLN A 64 10.33 4.10 -18.27
CA GLN A 64 11.63 3.81 -18.89
C GLN A 64 12.12 2.43 -18.48
N ASN A 65 12.90 1.80 -19.35
CA ASN A 65 13.39 0.49 -18.89
C ASN A 65 14.54 0.56 -17.86
N ASN A 66 14.24 -0.08 -16.73
CA ASN A 66 15.29 -0.27 -15.75
C ASN A 66 16.04 -1.56 -16.14
N GLY A 67 17.08 -1.90 -15.41
CA GLY A 67 17.43 -3.28 -15.92
C GLY A 67 16.64 -4.52 -15.44
N THR A 68 15.53 -4.31 -14.73
CA THR A 68 15.30 -5.18 -13.54
C THR A 68 13.89 -5.75 -13.35
N GLU A 69 13.05 -5.35 -14.30
CA GLU A 69 11.65 -5.67 -14.06
C GLU A 69 11.26 -7.09 -14.38
N GLN A 70 10.29 -7.55 -13.59
CA GLN A 70 9.57 -8.72 -14.08
C GLN A 70 8.07 -8.49 -14.15
N TYR A 71 7.45 -9.01 -15.20
CA TYR A 71 6.03 -8.74 -15.44
C TYR A 71 5.22 -10.03 -15.33
N VAL A 72 4.22 -10.00 -14.46
CA VAL A 72 3.58 -11.31 -14.19
C VAL A 72 2.06 -11.21 -14.18
N GLY A 73 1.38 -12.19 -14.78
CA GLY A 73 -0.10 -12.20 -14.71
C GLY A 73 -0.72 -12.45 -13.31
N VAL A 74 -1.99 -12.00 -13.15
CA VAL A 74 -2.74 -12.35 -11.94
C VAL A 74 -3.68 -13.48 -12.18
N GLN A 75 -3.43 -14.58 -11.51
CA GLN A 75 -4.40 -15.64 -11.75
C GLN A 75 -5.57 -15.83 -10.75
N LYS A 76 -5.39 -15.38 -9.49
CA LYS A 76 -6.54 -15.39 -8.59
C LYS A 76 -6.60 -14.17 -7.67
N ILE A 77 -7.79 -13.58 -7.50
CA ILE A 77 -7.96 -12.45 -6.59
C ILE A 77 -8.87 -12.80 -5.41
N VAL A 78 -8.29 -12.70 -4.22
CA VAL A 78 -9.04 -12.96 -3.00
C VAL A 78 -9.19 -11.71 -2.14
N VAL A 79 -10.38 -11.11 -2.27
CA VAL A 79 -10.72 -9.99 -1.38
C VAL A 79 -11.15 -10.42 0.00
N HIS A 80 -10.95 -9.54 0.97
CA HIS A 80 -11.51 -9.90 2.28
C HIS A 80 -13.05 -10.14 2.25
N PRO A 81 -13.52 -11.27 2.83
CA PRO A 81 -14.98 -11.52 2.78
C PRO A 81 -15.92 -10.45 3.36
N TYR A 82 -15.42 -9.76 4.39
CA TYR A 82 -16.17 -8.61 4.93
C TYR A 82 -15.99 -7.26 4.25
N TRP A 83 -15.16 -7.18 3.18
CA TRP A 83 -15.03 -5.89 2.48
C TRP A 83 -16.37 -5.37 1.90
N ASN A 84 -16.65 -4.13 2.20
CA ASN A 84 -17.82 -3.53 1.58
C ASN A 84 -17.42 -2.24 0.83
N THR A 85 -17.40 -2.29 -0.51
CA THR A 85 -17.07 -1.03 -1.20
C THR A 85 -17.92 0.23 -0.98
N ASP A 86 -19.18 0.04 -0.54
CA ASP A 86 -19.96 1.23 -0.11
C ASP A 86 -19.64 1.74 1.29
N ASP A 87 -18.77 0.99 1.96
CA ASP A 87 -18.30 1.51 3.23
C ASP A 87 -16.80 1.27 3.52
N VAL A 88 -15.93 2.12 2.92
CA VAL A 88 -14.47 2.06 3.16
C VAL A 88 -14.06 2.15 4.63
N ALA A 89 -14.81 3.03 5.32
CA ALA A 89 -14.52 3.28 6.73
C ALA A 89 -14.84 2.13 7.71
N ALA A 90 -15.56 1.11 7.20
CA ALA A 90 -15.74 -0.14 7.98
C ALA A 90 -14.51 -1.02 8.17
N GLY A 91 -13.55 -0.81 7.28
CA GLY A 91 -12.33 -1.66 7.39
C GLY A 91 -12.23 -2.69 6.29
N TYR A 92 -11.36 -3.69 6.52
CA TYR A 92 -11.32 -4.86 5.64
C TYR A 92 -10.82 -4.58 4.23
N ASP A 93 -10.17 -3.39 4.13
CA ASP A 93 -9.55 -3.03 2.84
C ASP A 93 -8.22 -3.72 2.58
N ILE A 94 -8.35 -5.01 2.22
CA ILE A 94 -7.18 -5.83 1.98
C ILE A 94 -7.51 -6.97 1.06
N ALA A 95 -6.56 -7.28 0.20
CA ALA A 95 -6.78 -8.30 -0.80
C ALA A 95 -5.48 -9.03 -1.11
N LEU A 96 -5.62 -10.30 -1.40
CA LEU A 96 -4.48 -11.07 -1.88
C LEU A 96 -4.60 -11.55 -3.34
N LEU A 97 -3.51 -11.36 -4.03
CA LEU A 97 -3.39 -11.78 -5.42
C LEU A 97 -2.45 -12.98 -5.56
N ARG A 98 -3.04 -14.07 -6.08
CA ARG A 98 -2.18 -15.10 -6.64
C ARG A 98 -1.59 -14.81 -8.04
N LEU A 99 -0.26 -14.83 -8.10
CA LEU A 99 0.38 -14.64 -9.41
C LEU A 99 0.38 -15.89 -10.28
N ALA A 100 0.45 -15.68 -11.61
CA ALA A 100 0.47 -16.73 -12.65
C ALA A 100 1.75 -17.62 -12.70
N GLN A 101 2.82 -16.92 -12.31
CA GLN A 101 4.12 -17.60 -12.19
C GLN A 101 4.86 -17.06 -10.95
N SER A 102 5.77 -17.85 -10.37
CA SER A 102 6.52 -17.24 -9.26
C SER A 102 7.65 -16.34 -9.71
N VAL A 103 7.80 -15.25 -8.99
CA VAL A 103 8.91 -14.40 -9.34
C VAL A 103 10.26 -14.90 -8.84
N THR A 104 11.32 -14.39 -9.49
CA THR A 104 12.71 -14.64 -9.05
C THR A 104 13.24 -13.57 -8.13
N LEU A 105 13.65 -14.00 -6.95
CA LEU A 105 14.13 -13.00 -5.98
C LEU A 105 15.56 -12.52 -6.26
N ASN A 106 15.82 -11.25 -5.96
CA ASN A 106 17.13 -10.65 -6.19
C ASN A 106 17.32 -9.38 -5.39
N SER A 107 18.41 -8.60 -5.61
CA SER A 107 18.40 -7.34 -4.81
C SER A 107 17.32 -6.27 -5.06
N TYR A 108 16.64 -6.44 -6.21
CA TYR A 108 15.52 -5.57 -6.58
C TYR A 108 14.17 -6.17 -6.27
N VAL A 109 14.19 -7.46 -6.01
CA VAL A 109 12.92 -8.08 -5.62
C VAL A 109 13.02 -9.12 -4.51
N GLN A 110 12.36 -8.71 -3.44
CA GLN A 110 12.40 -9.43 -2.16
C GLN A 110 11.03 -9.46 -1.45
N LEU A 111 10.85 -10.49 -0.65
CA LEU A 111 9.62 -10.48 0.16
C LEU A 111 9.53 -9.39 1.24
N GLY A 112 8.38 -8.71 1.31
CA GLY A 112 8.13 -7.83 2.44
C GLY A 112 7.92 -8.60 3.74
N VAL A 113 8.51 -8.10 4.84
CA VAL A 113 8.29 -8.82 6.09
C VAL A 113 7.05 -8.36 6.86
N LEU A 114 6.24 -9.33 7.23
CA LEU A 114 5.03 -9.00 7.97
C LEU A 114 5.22 -8.94 9.49
N PRO A 115 4.46 -8.01 10.14
CA PRO A 115 4.44 -7.91 11.62
C PRO A 115 3.84 -9.13 12.30
N ARG A 116 4.22 -9.30 13.56
CA ARG A 116 3.48 -10.33 14.33
C ARG A 116 2.00 -9.95 14.57
N ALA A 117 1.07 -10.92 14.45
CA ALA A 117 -0.35 -10.71 14.80
C ALA A 117 -0.61 -9.88 16.03
N GLY A 118 -1.47 -8.89 15.88
CA GLY A 118 -1.75 -8.08 17.07
C GLY A 118 -0.89 -6.87 17.41
N THR A 119 0.31 -6.85 16.81
CA THR A 119 1.27 -5.75 17.05
C THR A 119 0.69 -4.39 16.77
N ILE A 120 0.79 -3.51 17.78
CA ILE A 120 0.41 -2.10 17.63
C ILE A 120 1.61 -1.19 17.85
N LEU A 121 1.85 -0.29 16.90
CA LEU A 121 2.97 0.63 17.09
C LEU A 121 2.75 1.72 18.10
N ALA A 122 3.84 2.09 18.79
CA ALA A 122 3.77 3.36 19.55
C ALA A 122 3.52 4.62 18.70
N ASN A 123 2.92 5.62 19.33
CA ASN A 123 2.72 6.94 18.69
C ASN A 123 4.04 7.50 18.21
N ASN A 124 3.96 8.23 17.10
CA ASN A 124 5.22 8.69 16.52
C ASN A 124 6.30 7.66 16.13
N SER A 125 5.91 6.41 15.79
CA SER A 125 6.89 5.43 15.29
C SER A 125 7.39 5.75 13.93
N PRO A 126 8.70 5.47 13.68
CA PRO A 126 9.32 5.76 12.38
C PRO A 126 8.89 4.84 11.25
N CYS A 127 8.15 5.47 10.32
CA CYS A 127 7.66 4.74 9.14
C CYS A 127 7.78 5.56 7.85
N TYR A 128 7.84 4.85 6.72
CA TYR A 128 7.96 5.46 5.39
C TYR A 128 6.84 4.97 4.52
N ILE A 129 6.20 5.87 3.80
CA ILE A 129 5.32 5.37 2.71
C ILE A 129 6.04 5.41 1.37
N THR A 130 5.74 4.44 0.52
CA THR A 130 6.32 4.42 -0.84
C THR A 130 5.26 4.23 -1.90
N GLY A 131 5.56 4.76 -3.10
CA GLY A 131 4.64 4.54 -4.24
C GLY A 131 4.83 5.52 -5.40
N TRP A 132 4.16 5.21 -6.51
CA TRP A 132 4.16 6.09 -7.68
C TRP A 132 3.00 7.07 -7.83
N GLY A 133 2.26 7.22 -6.74
CA GLY A 133 1.05 8.04 -6.98
C GLY A 133 1.29 9.55 -7.07
N LEU A 134 0.18 10.29 -7.17
CA LEU A 134 0.28 11.74 -7.28
C LEU A 134 1.22 12.47 -6.30
N THR A 135 1.97 13.36 -6.92
CA THR A 135 2.89 14.19 -6.11
C THR A 135 2.39 15.53 -5.54
N ARG A 136 1.20 15.90 -6.05
CA ARG A 136 0.33 16.89 -5.37
C ARG A 136 -1.15 16.45 -5.51
N THR A 137 -1.93 17.05 -4.62
CA THR A 137 -3.38 16.87 -4.78
C THR A 137 -3.85 17.34 -6.15
N ASN A 138 -4.61 16.48 -6.85
CA ASN A 138 -5.03 16.82 -8.23
C ASN A 138 -3.91 16.92 -9.26
N GLY A 139 -2.74 16.36 -8.88
CA GLY A 139 -1.61 16.49 -9.80
C GLY A 139 -1.44 15.32 -10.76
N GLN A 140 -0.19 14.92 -10.88
CA GLN A 140 0.08 13.79 -11.72
C GLN A 140 0.94 12.71 -11.04
N LEU A 141 0.92 11.50 -11.63
CA LEU A 141 1.72 10.41 -11.06
C LEU A 141 3.21 10.74 -11.11
N ALA A 142 3.95 10.25 -10.09
CA ALA A 142 5.42 10.23 -10.22
C ALA A 142 5.90 9.22 -11.21
N GLN A 143 6.90 9.58 -12.00
CA GLN A 143 7.50 8.50 -12.83
C GLN A 143 8.45 7.58 -12.07
N THR A 144 9.05 8.14 -11.03
CA THR A 144 9.94 7.32 -10.23
C THR A 144 9.35 7.00 -8.87
N LEU A 145 9.75 5.86 -8.30
CA LEU A 145 9.31 5.62 -6.91
C LEU A 145 9.72 6.70 -5.92
N GLN A 146 8.70 7.24 -5.23
CA GLN A 146 8.89 8.17 -4.12
C GLN A 146 8.71 7.52 -2.75
N GLN A 147 9.34 8.18 -1.78
CA GLN A 147 9.17 7.84 -0.35
C GLN A 147 8.94 9.09 0.48
N ALA A 148 8.19 8.88 1.53
CA ALA A 148 8.11 9.93 2.52
C ALA A 148 8.13 9.37 3.92
N TYR A 149 8.82 10.11 4.76
CA TYR A 149 8.69 9.87 6.19
C TYR A 149 7.33 10.22 6.80
N LEU A 150 6.63 9.16 7.20
CA LEU A 150 5.32 9.36 7.81
C LEU A 150 5.23 8.67 9.19
N PRO A 151 5.62 9.38 10.24
CA PRO A 151 5.46 8.78 11.57
C PRO A 151 4.02 8.49 12.00
N THR A 152 3.89 7.37 12.73
CA THR A 152 2.50 7.02 13.11
C THR A 152 1.82 7.96 14.04
N VAL A 153 0.49 7.95 13.89
CA VAL A 153 -0.35 8.60 14.89
C VAL A 153 -1.33 7.65 15.55
N ASP A 154 -1.19 7.55 16.88
CA ASP A 154 -1.92 6.43 17.48
C ASP A 154 -3.45 6.52 17.39
N TYR A 155 -4.09 5.35 17.52
CA TYR A 155 -5.56 5.26 17.57
C TYR A 155 -6.31 6.28 18.42
N ALA A 156 -5.85 6.40 19.68
CA ALA A 156 -6.40 7.48 20.52
C ALA A 156 -6.42 8.93 19.93
N ILE A 157 -5.30 9.30 19.30
CA ILE A 157 -5.31 10.64 18.72
C ILE A 157 -6.04 10.71 17.36
N CYS A 158 -5.79 9.67 16.58
CA CYS A 158 -6.39 9.62 15.26
C CYS A 158 -7.91 9.60 15.20
N SER A 159 -8.46 8.87 16.18
CA SER A 159 -9.95 8.80 16.32
C SER A 159 -10.61 9.92 17.10
N SER A 160 -9.73 10.82 17.50
CA SER A 160 -10.24 12.06 18.09
C SER A 160 -10.94 13.02 17.14
N SER A 161 -11.82 13.86 17.74
CA SER A 161 -12.64 14.75 16.91
C SER A 161 -11.93 15.68 15.93
N SER A 162 -10.76 16.17 16.32
CA SER A 162 -9.95 17.03 15.42
C SER A 162 -9.20 16.36 14.29
N TYR A 163 -9.05 15.04 14.47
CA TYR A 163 -8.46 14.23 13.40
C TYR A 163 -9.54 13.49 12.55
N TRP A 164 -9.60 12.16 12.71
CA TRP A 164 -10.55 11.47 11.87
C TRP A 164 -11.89 11.16 12.49
N GLY A 165 -11.93 11.32 13.81
CA GLY A 165 -13.14 10.76 14.46
C GLY A 165 -13.39 9.28 14.33
N SER A 166 -14.67 8.95 14.40
CA SER A 166 -15.10 7.56 14.24
C SER A 166 -14.94 6.91 12.85
N THR A 167 -14.55 7.73 11.84
CA THR A 167 -14.14 7.16 10.55
C THR A 167 -13.02 6.13 10.67
N VAL A 168 -12.08 6.48 11.57
CA VAL A 168 -11.10 5.42 11.74
C VAL A 168 -11.46 4.41 12.80
N LYS A 169 -11.01 3.20 12.51
CA LYS A 169 -11.17 2.04 13.42
C LYS A 169 -9.83 1.55 13.97
N ASN A 170 -9.92 0.76 15.05
CA ASN A 170 -8.71 0.11 15.62
C ASN A 170 -7.93 -0.86 14.68
N SER A 171 -8.67 -1.28 13.63
CA SER A 171 -8.08 -2.14 12.58
C SER A 171 -7.33 -1.38 11.45
N MET A 172 -7.07 -0.11 11.75
CA MET A 172 -6.34 0.72 10.79
C MET A 172 -5.13 1.40 11.47
N VAL A 173 -4.14 1.76 10.67
CA VAL A 173 -3.11 2.64 11.18
C VAL A 173 -3.22 4.02 10.52
N CYS A 174 -3.04 5.04 11.35
CA CYS A 174 -2.83 6.39 10.83
C CYS A 174 -1.37 6.79 10.83
N ALA A 175 -1.01 7.54 9.78
CA ALA A 175 0.37 8.07 9.80
C ALA A 175 0.52 9.36 9.03
N GLY A 176 1.46 10.22 9.48
CA GLY A 176 1.46 11.55 8.88
C GLY A 176 0.46 12.61 9.42
N GLY A 177 -0.16 13.36 8.51
CA GLY A 177 -1.02 14.41 9.08
C GLY A 177 -0.48 15.85 9.20
N ASP A 178 0.75 16.07 8.69
CA ASP A 178 1.34 17.40 8.94
C ASP A 178 0.99 18.56 7.99
N GLY A 179 0.12 18.23 7.00
CA GLY A 179 -0.15 19.13 5.88
C GLY A 179 0.85 19.15 4.73
N VAL A 180 1.94 18.38 4.90
CA VAL A 180 3.07 18.46 3.97
C VAL A 180 3.27 17.24 3.16
N ARG A 181 3.33 16.16 3.92
CA ARG A 181 3.46 14.90 3.21
C ARG A 181 2.39 13.90 3.46
N SER A 182 2.15 13.13 2.41
CA SER A 182 0.96 12.29 2.35
C SER A 182 1.10 11.13 1.39
N GLY A 183 0.36 10.05 1.66
CA GLY A 183 -0.08 9.28 0.46
C GLY A 183 -1.04 10.06 -0.43
N CYS A 184 -1.16 9.59 -1.67
CA CYS A 184 -2.11 10.29 -2.58
C CYS A 184 -2.65 9.33 -3.63
N GLN A 185 -3.41 9.85 -4.59
CA GLN A 185 -3.95 8.84 -5.47
C GLN A 185 -2.90 8.09 -6.30
N GLY A 186 -3.10 6.77 -6.41
CA GLY A 186 -2.09 5.99 -7.11
C GLY A 186 -1.12 5.28 -6.15
N ASP A 187 -1.15 5.69 -4.87
CA ASP A 187 -0.36 5.00 -3.84
C ASP A 187 -1.09 3.86 -3.05
N SER A 188 -2.44 3.87 -3.20
CA SER A 188 -3.19 2.91 -2.35
C SER A 188 -2.94 1.49 -2.75
N GLY A 189 -3.05 0.62 -1.77
CA GLY A 189 -2.57 -0.72 -2.04
C GLY A 189 -1.15 -1.04 -1.60
N GLY A 190 -0.38 0.06 -1.63
CA GLY A 190 1.03 -0.04 -1.24
C GLY A 190 1.32 -0.16 0.25
N PRO A 191 2.62 -0.40 0.56
CA PRO A 191 3.03 -0.54 1.95
C PRO A 191 3.28 0.78 2.69
N LEU A 192 3.14 0.58 4.00
CA LEU A 192 3.75 1.47 4.97
C LEU A 192 4.84 0.69 5.68
N HIS A 193 6.07 1.13 5.44
CA HIS A 193 7.20 0.38 6.06
C HIS A 193 7.65 0.99 7.38
N CYS A 194 7.55 0.19 8.45
CA CYS A 194 7.92 0.71 9.77
C CYS A 194 9.09 -0.03 10.42
N LEU A 195 9.94 0.79 11.02
CA LEU A 195 11.15 0.22 11.64
C LEU A 195 10.86 -0.35 13.02
N VAL A 196 10.97 -1.66 13.16
CA VAL A 196 10.78 -2.27 14.48
C VAL A 196 11.86 -3.29 14.79
N ASN A 197 12.44 -3.23 15.99
CA ASN A 197 13.62 -4.07 16.28
C ASN A 197 14.67 -4.24 15.17
N GLY A 198 15.04 -3.03 14.65
CA GLY A 198 16.06 -2.96 13.61
C GLY A 198 15.73 -3.36 12.19
N GLN A 199 14.52 -3.91 11.99
CA GLN A 199 14.10 -4.24 10.62
C GLN A 199 12.85 -3.47 10.18
N TYR A 200 12.85 -3.16 8.90
CA TYR A 200 11.56 -2.65 8.40
C TYR A 200 10.54 -3.77 8.17
N ALA A 201 9.34 -3.56 8.72
CA ALA A 201 8.24 -4.43 8.27
C ALA A 201 7.07 -3.63 7.76
N VAL A 202 6.25 -4.38 7.03
CA VAL A 202 5.07 -3.76 6.42
C VAL A 202 3.84 -3.78 7.35
N HIS A 203 3.59 -2.60 7.98
CA HIS A 203 2.51 -2.51 8.96
C HIS A 203 1.19 -2.01 8.40
N GLY A 204 1.29 -1.38 7.22
CA GLY A 204 0.06 -0.80 6.62
C GLY A 204 -0.10 -1.14 5.14
N VAL A 205 -1.37 -1.23 4.72
CA VAL A 205 -1.78 -1.16 3.32
C VAL A 205 -2.51 0.16 3.08
N THR A 206 -1.91 0.99 2.21
CA THR A 206 -2.55 2.30 2.03
C THR A 206 -4.03 2.23 1.55
N SER A 207 -4.91 2.88 2.27
CA SER A 207 -6.33 2.73 1.93
C SER A 207 -7.02 4.07 1.57
N PHE A 208 -7.01 5.02 2.53
CA PHE A 208 -7.71 6.26 2.22
C PHE A 208 -7.10 7.53 2.75
N VAL A 209 -7.39 8.63 2.04
CA VAL A 209 -7.15 10.02 2.46
C VAL A 209 -8.45 10.85 2.63
N SER A 210 -8.25 12.10 2.96
CA SER A 210 -9.32 13.09 3.06
C SER A 210 -9.97 13.40 1.73
N ARG A 211 -11.29 13.56 1.82
CA ARG A 211 -11.98 14.09 0.65
C ARG A 211 -11.49 15.50 0.29
N LEU A 212 -10.95 16.20 1.28
CA LEU A 212 -10.39 17.51 0.93
C LEU A 212 -9.12 17.59 0.03
N GLY A 213 -8.45 16.47 -0.07
CA GLY A 213 -7.09 16.53 -0.56
C GLY A 213 -6.21 15.50 0.12
N CYS A 214 -5.08 15.27 -0.53
CA CYS A 214 -4.12 14.33 0.04
C CYS A 214 -3.40 14.78 1.29
N ASN A 215 -2.64 15.86 1.15
CA ASN A 215 -1.93 16.40 2.33
C ASN A 215 -2.75 17.48 2.99
N VAL A 216 -3.44 17.03 4.02
CA VAL A 216 -4.31 17.93 4.76
C VAL A 216 -3.97 17.80 6.23
N THR A 217 -3.73 19.01 6.75
CA THR A 217 -3.45 19.11 8.19
C THR A 217 -4.43 18.35 9.06
N ARG A 218 -3.78 17.50 9.84
CA ARG A 218 -4.35 16.45 10.66
C ARG A 218 -5.49 15.62 10.16
N LYS A 219 -5.35 15.36 8.90
CA LYS A 219 -5.97 14.11 8.44
C LYS A 219 -4.90 13.19 7.87
N PRO A 220 -4.26 12.46 8.78
CA PRO A 220 -3.22 11.55 8.32
C PRO A 220 -3.69 10.58 7.27
N THR A 221 -2.73 10.09 6.47
CA THR A 221 -3.05 8.94 5.60
C THR A 221 -3.47 7.72 6.44
N VAL A 222 -4.51 7.03 5.95
CA VAL A 222 -5.04 5.86 6.68
C VAL A 222 -4.81 4.58 5.93
N PHE A 223 -4.32 3.63 6.75
CA PHE A 223 -3.88 2.34 6.26
C PHE A 223 -4.65 1.16 6.88
N THR A 224 -4.88 0.10 6.14
CA THR A 224 -5.28 -1.14 6.79
C THR A 224 -4.16 -1.66 7.67
N ARG A 225 -4.50 -1.95 8.96
CA ARG A 225 -3.49 -2.51 9.87
C ARG A 225 -3.21 -3.99 9.62
N VAL A 226 -2.09 -4.23 8.92
CA VAL A 226 -1.74 -5.61 8.54
C VAL A 226 -1.79 -6.66 9.69
N SER A 227 -1.34 -6.20 10.87
CA SER A 227 -1.27 -7.07 12.04
C SER A 227 -2.63 -7.54 12.58
N ALA A 228 -3.67 -6.86 12.12
CA ALA A 228 -5.03 -7.36 12.34
C ALA A 228 -5.43 -8.57 11.48
N TYR A 229 -4.68 -8.76 10.38
CA TYR A 229 -5.05 -9.75 9.35
C TYR A 229 -4.15 -10.98 9.18
N ILE A 230 -3.21 -11.17 10.12
CA ILE A 230 -2.21 -12.23 9.90
C ILE A 230 -2.76 -13.67 9.77
N SER A 231 -3.77 -13.97 10.64
CA SER A 231 -4.44 -15.29 10.47
C SER A 231 -5.15 -15.47 9.17
N TRP A 232 -5.90 -14.40 8.78
CA TRP A 232 -6.57 -14.40 7.48
C TRP A 232 -5.62 -14.61 6.31
N ILE A 233 -4.50 -13.86 6.37
CA ILE A 233 -3.50 -13.97 5.30
C ILE A 233 -2.92 -15.37 5.19
N ASN A 234 -2.51 -15.83 6.37
CA ASN A 234 -1.99 -17.22 6.44
C ASN A 234 -2.97 -18.34 5.99
N ASN A 235 -4.22 -18.19 6.43
CA ASN A 235 -5.31 -19.11 5.95
C ASN A 235 -5.63 -19.08 4.47
N VAL A 236 -5.56 -17.86 3.89
CA VAL A 236 -5.65 -17.88 2.42
C VAL A 236 -4.50 -18.51 1.62
N ILE A 237 -3.32 -18.09 2.02
CA ILE A 237 -2.12 -18.76 1.46
C ILE A 237 -2.08 -20.31 1.60
N ALA A 238 -2.64 -20.75 2.73
CA ALA A 238 -2.75 -22.20 3.00
C ALA A 238 -3.91 -22.96 2.35
N SER A 239 -4.89 -22.20 1.86
CA SER A 239 -5.99 -22.94 1.22
C SER A 239 -6.13 -22.86 -0.30
N ASN A 240 -5.38 -21.93 -0.88
CA ASN A 240 -5.53 -21.72 -2.33
C ASN A 240 -4.24 -21.29 -3.02
N THR B 3 -10.97 6.86 -1.07
CA THR B 3 -9.97 5.85 -1.39
C THR B 3 -8.92 6.31 -2.41
N PHE B 6 -8.69 5.43 -8.44
CA PHE B 6 -9.24 6.44 -9.36
C PHE B 6 -10.69 6.07 -9.81
N VAL B 8 -12.02 5.21 -6.42
CA VAL B 8 -12.33 4.49 -5.18
C VAL B 8 -11.17 4.52 -4.14
#